data_7EBK
#
_entry.id   7EBK
#
_cell.length_a   64.646
_cell.length_b   64.646
_cell.length_c   251.744
_cell.angle_alpha   90.000
_cell.angle_beta   90.000
_cell.angle_gamma   120.000
#
_symmetry.space_group_name_H-M   'P 65 2 2'
#
loop_
_entity.id
_entity.type
_entity.pdbx_description
1 polymer 'Tripartite motif-containing protein 66'
2 polymer H3K9me3K18ac
3 non-polymer 'ZINC ION'
4 water water
#
loop_
_entity_poly.entity_id
_entity_poly.type
_entity_poly.pdbx_seq_one_letter_code
_entity_poly.pdbx_strand_id
1 'polypeptide(L)'
;SPIENEDFCAVCINGGELLCCDRCPKVYHLSCHVPALLSFPGGEWVCTLCRSLTQPEMEYDCENARYGVRVLPGLSMYDQ
KKCEKLVLSLCCNSLSLPFHEPVSPLARHYYQIIKRPMDLSIIRRKLQKKDPAHYTTPEEVVSDVRLMFWNCAKFNYPDS
EVAEAGRCLEVFFEGWLKEIYPDKCFA
;
A
2 'polypeptide(L)' ARTKQTAR(M3L)STGGKAPR(ALY)QLATKA B
#
loop_
_chem_comp.id
_chem_comp.type
_chem_comp.name
_chem_comp.formula
ZN non-polymer 'ZINC ION' 'Zn 2'
#
# COMPACT_ATOMS: atom_id res chain seq x y z
N ASN A 5 -17.02 6.43 11.60
CA ASN A 5 -15.58 6.33 11.37
C ASN A 5 -14.81 5.67 12.51
N GLU A 6 -13.85 4.82 12.15
CA GLU A 6 -13.08 4.07 13.13
C GLU A 6 -12.16 5.02 13.92
N ASP A 7 -11.60 4.51 15.01
CA ASP A 7 -10.80 5.34 15.89
C ASP A 7 -9.31 5.34 15.56
N PHE A 8 -8.79 4.27 14.95
CA PHE A 8 -7.37 4.17 14.67
C PHE A 8 -7.11 4.07 13.17
N CYS A 9 -5.93 4.54 12.78
CA CYS A 9 -5.53 4.54 11.37
C CYS A 9 -5.69 3.15 10.78
N ALA A 10 -6.27 3.09 9.58
CA ALA A 10 -6.50 1.81 8.92
C ALA A 10 -5.20 1.08 8.64
N VAL A 11 -4.09 1.81 8.53
CA VAL A 11 -2.81 1.24 8.13
C VAL A 11 -1.97 0.91 9.35
N CYS A 12 -1.64 1.92 10.19
CA CYS A 12 -0.70 1.70 11.27
C CYS A 12 -1.34 1.41 12.61
N ILE A 13 -2.67 1.48 12.71
CA ILE A 13 -3.45 1.14 13.91
C ILE A 13 -3.09 2.06 15.07
N ASN A 14 -2.59 3.26 14.79
CA ASN A 14 -2.33 4.23 15.84
C ASN A 14 -3.30 5.42 15.75
N GLY A 15 -3.29 6.22 16.80
CA GLY A 15 -4.10 7.41 16.88
C GLY A 15 -3.38 8.64 16.39
N GLY A 16 -3.91 9.79 16.79
CA GLY A 16 -3.33 11.05 16.35
C GLY A 16 -4.29 11.82 15.48
N GLU A 17 -3.77 12.63 14.56
CA GLU A 17 -4.62 13.36 13.64
C GLU A 17 -4.98 12.44 12.48
N LEU A 18 -6.27 12.19 12.30
CA LEU A 18 -6.74 11.19 11.35
C LEU A 18 -7.77 11.79 10.40
N LEU A 19 -7.53 11.61 9.11
CA LEU A 19 -8.45 12.02 8.05
C LEU A 19 -9.50 10.94 7.81
N CYS A 20 -10.78 11.33 7.85
CA CYS A 20 -11.90 10.41 7.67
C CYS A 20 -12.31 10.31 6.20
N CYS A 21 -12.55 9.09 5.74
CA CYS A 21 -13.12 8.89 4.43
C CYS A 21 -14.61 9.17 4.48
N ASP A 22 -15.10 9.88 3.45
CA ASP A 22 -16.52 10.20 3.35
C ASP A 22 -17.39 9.01 2.99
N ARG A 23 -16.80 7.89 2.55
CA ARG A 23 -17.58 6.77 2.03
C ARG A 23 -17.40 5.46 2.79
N CYS A 24 -16.40 5.33 3.65
CA CYS A 24 -16.26 4.08 4.39
C CYS A 24 -15.85 4.47 5.80
N PRO A 25 -15.87 3.55 6.78
CA PRO A 25 -15.46 3.94 8.14
C PRO A 25 -13.97 4.19 8.31
N LYS A 26 -13.14 3.96 7.30
CA LYS A 26 -11.69 4.01 7.50
C LYS A 26 -11.22 5.44 7.74
N VAL A 27 -10.22 5.57 8.62
CA VAL A 27 -9.54 6.84 8.87
C VAL A 27 -8.05 6.60 8.64
N TYR A 28 -7.34 7.66 8.27
CA TYR A 28 -5.93 7.55 7.87
C TYR A 28 -5.09 8.70 8.41
N HIS A 29 -3.86 8.40 8.84
CA HIS A 29 -2.86 9.47 8.83
C HIS A 29 -2.60 9.89 7.40
N LEU A 30 -2.34 11.20 7.20
CA LEU A 30 -2.03 11.68 5.86
C LEU A 30 -0.91 10.87 5.21
N SER A 31 0.14 10.56 5.95
CA SER A 31 1.26 9.87 5.34
C SER A 31 1.06 8.37 5.25
N CYS A 32 0.03 7.83 5.89
CA CYS A 32 -0.30 6.41 5.81
C CYS A 32 -1.20 6.08 4.63
N HIS A 33 -2.05 7.01 4.22
CA HIS A 33 -2.84 6.80 3.02
C HIS A 33 -1.91 6.55 1.83
N VAL A 34 -2.39 5.75 0.88
CA VAL A 34 -1.68 5.52 -0.38
C VAL A 34 -2.54 6.10 -1.50
N PRO A 35 -2.07 7.16 -2.21
CA PRO A 35 -0.79 7.85 -2.00
C PRO A 35 -0.80 8.72 -0.77
N ALA A 36 0.37 8.99 -0.21
CA ALA A 36 0.44 9.91 0.91
C ALA A 36 -0.08 11.26 0.48
N LEU A 37 -0.73 11.96 1.41
CA LEU A 37 -1.33 13.27 1.12
C LEU A 37 -0.47 14.36 1.73
N LEU A 38 -0.26 15.44 0.97
CA LEU A 38 0.61 16.53 1.37
C LEU A 38 -0.10 17.61 2.20
N SER A 39 -1.42 17.51 2.36
CA SER A 39 -2.19 18.45 3.14
C SER A 39 -3.53 17.82 3.49
N PHE A 40 -4.21 18.40 4.46
CA PHE A 40 -5.57 17.95 4.77
C PHE A 40 -6.54 18.48 3.72
N PRO A 41 -7.38 17.63 3.14
CA PRO A 41 -8.31 18.10 2.11
C PRO A 41 -9.33 19.08 2.68
N GLY A 42 -9.65 20.10 1.89
CA GLY A 42 -10.60 21.10 2.36
C GLY A 42 -12.05 20.64 2.31
N GLY A 43 -12.40 19.81 1.33
CA GLY A 43 -13.80 19.48 1.13
C GLY A 43 -14.10 18.00 1.17
N GLU A 44 -14.92 17.54 0.23
CA GLU A 44 -15.23 16.11 0.13
C GLU A 44 -13.94 15.32 -0.08
N TRP A 45 -13.79 14.22 0.64
CA TRP A 45 -12.63 13.37 0.41
C TRP A 45 -13.01 11.91 0.54
N VAL A 46 -12.57 11.11 -0.43
CA VAL A 46 -12.87 9.70 -0.54
C VAL A 46 -11.54 8.96 -0.65
N CYS A 47 -11.38 7.89 0.12
CA CYS A 47 -10.08 7.21 0.16
C CYS A 47 -9.85 6.37 -1.10
N THR A 48 -8.59 5.94 -1.27
CA THR A 48 -8.20 5.18 -2.45
C THR A 48 -9.05 3.93 -2.64
N LEU A 49 -9.46 3.29 -1.55
CA LEU A 49 -10.24 2.06 -1.67
C LEU A 49 -11.65 2.35 -2.15
N CYS A 50 -12.17 3.54 -1.86
CA CYS A 50 -13.53 3.89 -2.25
C CYS A 50 -13.61 4.66 -3.56
N ARG A 51 -12.54 5.35 -3.96
CA ARG A 51 -12.59 6.25 -5.11
C ARG A 51 -12.90 5.49 -6.40
N SER A 52 -13.85 6.01 -7.16
CA SER A 52 -14.21 5.37 -8.41
C SER A 52 -13.08 5.49 -9.42
N LEU A 53 -12.86 4.40 -10.15
CA LEU A 53 -11.79 4.35 -11.13
C LEU A 53 -12.09 5.24 -12.34
N THR A 54 -13.24 4.99 -12.98
CA THR A 54 -13.65 5.65 -14.21
C THR A 54 -13.71 7.18 -14.06
N GLN A 55 -14.72 7.65 -13.34
CA GLN A 55 -14.90 9.06 -13.00
C GLN A 55 -14.22 9.32 -11.66
N PRO A 56 -13.03 9.93 -11.65
CA PRO A 56 -12.41 10.27 -10.37
C PRO A 56 -13.14 11.44 -9.74
N GLU A 57 -13.54 11.27 -8.48
CA GLU A 57 -14.37 12.23 -7.79
C GLU A 57 -13.57 13.38 -7.22
N MET A 58 -12.25 13.22 -7.16
CA MET A 58 -11.33 14.19 -6.61
C MET A 58 -9.93 13.71 -6.94
N GLU A 59 -9.07 14.62 -7.38
CA GLU A 59 -7.66 14.29 -7.42
C GLU A 59 -7.06 14.55 -6.04
N TYR A 60 -5.97 13.87 -5.75
CA TYR A 60 -5.37 13.96 -4.42
C TYR A 60 -4.24 14.97 -4.44
N ASP A 61 -4.03 15.59 -3.28
CA ASP A 61 -2.83 16.41 -3.08
C ASP A 61 -1.70 15.47 -2.69
N CYS A 62 -1.04 14.92 -3.69
CA CYS A 62 0.01 13.93 -3.49
C CYS A 62 1.19 14.29 -4.38
N GLU A 63 2.29 13.56 -4.21
CA GLU A 63 3.51 13.89 -4.93
C GLU A 63 3.31 13.73 -6.44
N ASN A 64 2.57 12.71 -6.86
CA ASN A 64 2.45 12.43 -8.29
C ASN A 64 1.60 13.47 -9.00
N ALA A 65 0.78 14.21 -8.27
CA ALA A 65 -0.09 15.22 -8.86
C ALA A 65 0.59 16.58 -9.03
N ARG A 66 1.77 16.78 -8.46
CA ARG A 66 2.47 18.05 -8.62
C ARG A 66 2.77 18.33 -10.09
N TYR A 67 2.75 19.62 -10.44
CA TYR A 67 2.95 20.02 -11.83
C TYR A 67 4.23 19.45 -12.43
N GLY A 68 5.35 19.62 -11.73
CA GLY A 68 6.58 19.12 -12.30
C GLY A 68 6.71 17.61 -12.38
N VAL A 69 5.74 16.87 -11.86
CA VAL A 69 5.86 15.43 -11.67
C VAL A 69 4.99 14.66 -12.66
N ARG A 70 3.78 15.13 -12.95
CA ARG A 70 2.86 14.33 -13.74
C ARG A 70 3.28 14.17 -15.20
N VAL A 71 4.30 14.89 -15.66
CA VAL A 71 4.81 14.66 -17.01
C VAL A 71 5.78 13.46 -17.02
N LEU A 72 6.41 13.16 -15.89
CA LEU A 72 7.44 12.13 -15.81
C LEU A 72 6.87 10.76 -16.22
N PRO A 73 7.74 9.86 -16.69
CA PRO A 73 7.27 8.50 -17.01
C PRO A 73 6.86 7.74 -15.77
N GLY A 74 5.93 6.81 -15.95
CA GLY A 74 5.44 6.01 -14.85
C GLY A 74 4.16 5.29 -15.25
N LEU A 75 3.41 4.87 -14.24
CA LEU A 75 2.14 4.20 -14.47
C LEU A 75 1.15 5.16 -15.12
N SER A 76 0.32 4.63 -16.01
CA SER A 76 -0.81 5.40 -16.52
C SER A 76 -1.73 5.80 -15.37
N MET A 77 -2.57 6.82 -15.62
CA MET A 77 -3.48 7.27 -14.57
C MET A 77 -4.37 6.13 -14.08
N TYR A 78 -4.79 5.28 -15.02
CA TYR A 78 -5.65 4.16 -14.71
C TYR A 78 -4.91 3.12 -13.88
N ASP A 79 -3.69 2.75 -14.31
CA ASP A 79 -2.92 1.75 -13.59
C ASP A 79 -2.45 2.27 -12.24
N GLN A 80 -2.18 3.57 -12.15
CA GLN A 80 -1.78 4.13 -10.86
C GLN A 80 -2.86 3.92 -9.81
N LYS A 81 -4.11 4.19 -10.18
CA LYS A 81 -5.21 4.01 -9.24
C LYS A 81 -5.44 2.55 -8.87
N LYS A 82 -5.35 1.66 -9.85
CA LYS A 82 -5.51 0.25 -9.58
C LYS A 82 -4.42 -0.28 -8.67
N CYS A 83 -3.18 0.09 -8.94
CA CYS A 83 -2.08 -0.42 -8.12
C CYS A 83 -2.10 0.21 -6.73
N GLU A 84 -2.49 1.48 -6.64
CA GLU A 84 -2.67 2.06 -5.32
C GLU A 84 -3.75 1.35 -4.53
N LYS A 85 -4.83 0.93 -5.19
CA LYS A 85 -5.87 0.17 -4.50
C LYS A 85 -5.34 -1.17 -4.00
N LEU A 86 -4.57 -1.85 -4.84
CA LEU A 86 -3.97 -3.12 -4.44
C LEU A 86 -3.03 -2.95 -3.25
N VAL A 87 -2.15 -1.94 -3.31
CA VAL A 87 -1.16 -1.75 -2.24
C VAL A 87 -1.83 -1.25 -0.96
N LEU A 88 -2.78 -0.32 -1.04
CA LEU A 88 -3.45 0.09 0.18
C LEU A 88 -4.25 -1.05 0.79
N SER A 89 -4.84 -1.91 -0.05
CA SER A 89 -5.56 -3.06 0.48
C SER A 89 -4.63 -3.95 1.29
N LEU A 90 -3.41 -4.16 0.78
CA LEU A 90 -2.42 -4.90 1.53
C LEU A 90 -2.15 -4.24 2.88
N CYS A 91 -1.91 -2.91 2.85
CA CYS A 91 -1.47 -2.20 4.05
C CYS A 91 -2.54 -2.16 5.12
N CYS A 92 -3.82 -2.13 4.72
CA CYS A 92 -4.92 -2.07 5.67
C CYS A 92 -5.29 -3.44 6.23
N ASN A 93 -4.76 -4.53 5.68
CA ASN A 93 -5.10 -5.84 6.19
C ASN A 93 -4.34 -6.12 7.48
N SER A 94 -5.05 -6.68 8.48
CA SER A 94 -4.44 -6.96 9.77
C SER A 94 -3.21 -7.85 9.65
N LEU A 95 -3.18 -8.74 8.67
CA LEU A 95 -2.05 -9.66 8.54
C LEU A 95 -0.77 -8.99 8.03
N SER A 96 -0.84 -7.73 7.60
CA SER A 96 0.24 -7.14 6.83
C SER A 96 1.33 -6.51 7.69
N LEU A 97 1.12 -6.37 9.00
CA LEU A 97 2.08 -5.64 9.85
C LEU A 97 3.53 -6.10 9.69
N PRO A 98 3.85 -7.41 9.66
CA PRO A 98 5.26 -7.80 9.51
C PRO A 98 5.89 -7.37 8.19
N PHE A 99 5.10 -6.91 7.22
CA PHE A 99 5.62 -6.53 5.91
C PHE A 99 5.68 -5.03 5.71
N HIS A 100 5.29 -4.24 6.72
CA HIS A 100 5.26 -2.79 6.53
C HIS A 100 6.65 -2.20 6.38
N GLU A 101 7.62 -2.75 7.11
CA GLU A 101 8.97 -2.23 7.19
C GLU A 101 9.96 -3.34 6.91
N PRO A 102 11.19 -3.00 6.53
CA PRO A 102 12.21 -4.04 6.31
C PRO A 102 12.53 -4.78 7.59
N VAL A 103 12.97 -6.03 7.43
CA VAL A 103 13.39 -6.80 8.59
C VAL A 103 14.60 -6.12 9.21
N SER A 104 14.67 -6.14 10.56
CA SER A 104 15.77 -5.51 11.27
C SER A 104 17.13 -5.96 10.74
N PRO A 105 18.09 -5.04 10.59
CA PRO A 105 19.44 -5.45 10.15
C PRO A 105 20.16 -6.34 11.15
N LEU A 106 19.64 -6.46 12.37
CA LEU A 106 20.16 -7.40 13.34
C LEU A 106 19.84 -8.85 13.01
N ALA A 107 18.90 -9.08 12.10
CA ALA A 107 18.51 -10.44 11.70
C ALA A 107 19.59 -10.99 10.79
N ARG A 108 20.61 -11.61 11.41
CA ARG A 108 21.76 -12.10 10.68
C ARG A 108 21.34 -13.14 9.65
N HIS A 109 20.53 -14.12 10.06
CA HIS A 109 20.20 -15.19 9.13
C HIS A 109 19.29 -14.70 8.02
N TYR A 110 18.37 -13.78 8.35
CA TYR A 110 17.45 -13.28 7.33
C TYR A 110 18.22 -12.73 6.15
N TYR A 111 19.20 -11.87 6.42
CA TYR A 111 19.90 -11.26 5.30
C TYR A 111 20.98 -12.16 4.72
N GLN A 112 21.38 -13.23 5.41
CA GLN A 112 22.23 -14.21 4.76
C GLN A 112 21.43 -15.04 3.74
N ILE A 113 20.13 -15.17 3.94
CA ILE A 113 19.29 -16.06 3.15
C ILE A 113 18.53 -15.32 2.07
N ILE A 114 17.96 -14.16 2.40
CA ILE A 114 17.11 -13.41 1.47
C ILE A 114 17.98 -12.40 0.71
N LYS A 115 18.16 -12.65 -0.58
CA LYS A 115 19.08 -11.86 -1.38
C LYS A 115 18.43 -10.63 -1.99
N ARG A 116 17.10 -10.60 -2.09
CA ARG A 116 16.38 -9.49 -2.69
C ARG A 116 15.25 -9.13 -1.74
N PRO A 117 15.57 -8.44 -0.65
CA PRO A 117 14.54 -8.08 0.34
C PRO A 117 13.49 -7.18 -0.27
N MET A 118 12.26 -7.32 0.20
CA MET A 118 11.17 -6.51 -0.31
C MET A 118 10.18 -6.27 0.83
N ASP A 119 9.61 -5.08 0.87
CA ASP A 119 8.61 -4.78 1.89
C ASP A 119 7.67 -3.69 1.37
N LEU A 120 6.59 -3.46 2.11
CA LEU A 120 5.57 -2.54 1.64
C LEU A 120 6.06 -1.08 1.62
N SER A 121 7.09 -0.75 2.40
CA SER A 121 7.58 0.62 2.34
C SER A 121 8.32 0.88 1.04
N ILE A 122 9.02 -0.14 0.51
CA ILE A 122 9.66 -0.02 -0.79
C ILE A 122 8.62 0.10 -1.88
N ILE A 123 7.58 -0.74 -1.83
CA ILE A 123 6.53 -0.73 -2.84
C ILE A 123 5.83 0.63 -2.84
N ARG A 124 5.50 1.14 -1.66
CA ARG A 124 4.91 2.49 -1.56
C ARG A 124 5.78 3.54 -2.26
N ARG A 125 7.08 3.53 -2.00
CA ARG A 125 7.98 4.54 -2.59
C ARG A 125 8.05 4.41 -4.11
N LYS A 126 8.09 3.18 -4.62
CA LYS A 126 8.23 3.02 -6.06
C LYS A 126 6.96 3.38 -6.82
N LEU A 127 5.81 3.55 -6.15
CA LEU A 127 4.61 4.06 -6.78
C LEU A 127 4.72 5.56 -7.04
N GLN A 128 5.71 6.21 -6.47
CA GLN A 128 5.98 7.64 -6.69
C GLN A 128 6.94 7.82 -7.87
N LYS A 129 6.54 8.65 -8.84
CA LYS A 129 7.31 8.82 -10.07
C LYS A 129 8.70 9.38 -9.81
N LYS A 130 8.87 10.16 -8.75
CA LYS A 130 10.17 10.74 -8.45
C LYS A 130 11.17 9.70 -7.93
N ASP A 131 10.73 8.51 -7.58
CA ASP A 131 11.68 7.50 -7.10
C ASP A 131 12.58 7.06 -8.25
N PRO A 132 13.88 6.93 -8.01
CA PRO A 132 14.78 6.46 -9.09
C PRO A 132 14.38 5.12 -9.68
N ALA A 133 13.76 4.25 -8.89
CA ALA A 133 13.34 2.93 -9.35
C ALA A 133 11.83 2.85 -9.53
N HIS A 134 11.19 3.99 -9.80
CA HIS A 134 9.74 4.05 -9.92
C HIS A 134 9.20 2.99 -10.86
N TYR A 135 8.03 2.44 -10.49
CA TYR A 135 7.33 1.53 -11.38
C TYR A 135 6.92 2.23 -12.67
N THR A 136 6.94 1.46 -13.76
CA THR A 136 6.34 1.89 -15.01
C THR A 136 5.20 1.00 -15.49
N THR A 137 5.08 -0.24 -14.99
CA THR A 137 3.99 -1.12 -15.37
C THR A 137 3.37 -1.75 -14.13
N PRO A 138 2.10 -2.15 -14.21
CA PRO A 138 1.52 -2.90 -13.09
C PRO A 138 2.21 -4.22 -12.87
N GLU A 139 2.79 -4.81 -13.92
CA GLU A 139 3.51 -6.07 -13.75
C GLU A 139 4.63 -5.92 -12.74
N GLU A 140 5.35 -4.79 -12.76
CA GLU A 140 6.44 -4.59 -11.81
C GLU A 140 5.92 -4.53 -10.37
N VAL A 141 4.76 -3.90 -10.17
CA VAL A 141 4.14 -3.84 -8.84
C VAL A 141 3.80 -5.25 -8.35
N VAL A 142 3.10 -6.01 -9.20
CA VAL A 142 2.69 -7.37 -8.85
C VAL A 142 3.92 -8.23 -8.58
N SER A 143 4.98 -8.05 -9.38
CA SER A 143 6.20 -8.82 -9.18
C SER A 143 6.84 -8.53 -7.81
N ASP A 144 6.86 -7.27 -7.38
CA ASP A 144 7.42 -6.97 -6.06
C ASP A 144 6.56 -7.54 -4.95
N VAL A 145 5.22 -7.46 -5.07
CA VAL A 145 4.38 -8.04 -4.02
C VAL A 145 4.63 -9.55 -3.92
N ARG A 146 4.67 -10.22 -5.06
CA ARG A 146 4.90 -11.67 -5.06
C ARG A 146 6.30 -12.01 -4.54
N LEU A 147 7.31 -11.20 -4.87
CA LEU A 147 8.65 -11.39 -4.28
C LEU A 147 8.61 -11.29 -2.76
N MET A 148 7.88 -10.30 -2.23
CA MET A 148 7.75 -10.14 -0.78
C MET A 148 7.22 -11.42 -0.14
N PHE A 149 6.20 -12.02 -0.75
CA PHE A 149 5.62 -13.23 -0.17
C PHE A 149 6.52 -14.44 -0.36
N TRP A 150 7.27 -14.48 -1.47
CA TRP A 150 8.21 -15.58 -1.70
C TRP A 150 9.33 -15.54 -0.67
N ASN A 151 9.84 -14.35 -0.36
CA ASN A 151 10.86 -14.23 0.67
C ASN A 151 10.34 -14.71 2.00
N CYS A 152 9.10 -14.33 2.33
CA CYS A 152 8.50 -14.78 3.59
C CYS A 152 8.44 -16.30 3.67
N ALA A 153 7.98 -16.94 2.59
CA ALA A 153 7.89 -18.40 2.57
C ALA A 153 9.28 -19.05 2.54
N LYS A 154 10.26 -18.37 1.95
CA LYS A 154 11.61 -18.94 1.91
C LYS A 154 12.21 -18.96 3.30
N PHE A 155 12.10 -17.84 4.02
CA PHE A 155 12.83 -17.69 5.28
C PHE A 155 12.09 -18.34 6.45
N ASN A 156 10.81 -18.06 6.62
CA ASN A 156 10.14 -18.42 7.86
C ASN A 156 9.79 -19.90 7.88
N TYR A 157 9.79 -20.47 9.08
CA TYR A 157 9.34 -21.85 9.24
C TYR A 157 7.86 -21.95 8.85
N PRO A 158 7.49 -22.99 8.10
CA PRO A 158 6.10 -23.08 7.60
C PRO A 158 5.02 -23.00 8.68
N ASP A 159 5.30 -23.44 9.90
CA ASP A 159 4.26 -23.41 10.92
C ASP A 159 4.24 -22.12 11.73
N SER A 160 5.08 -21.16 11.40
CA SER A 160 5.20 -19.95 12.20
C SER A 160 4.04 -18.99 11.90
N GLU A 161 3.81 -18.08 12.85
CA GLU A 161 2.78 -17.05 12.69
C GLU A 161 3.01 -16.20 11.45
N VAL A 162 4.25 -15.77 11.24
CA VAL A 162 4.55 -14.91 10.10
C VAL A 162 4.42 -15.66 8.79
N ALA A 163 4.84 -16.94 8.77
CA ALA A 163 4.66 -17.71 7.54
C ALA A 163 3.18 -17.86 7.19
N GLU A 164 2.36 -18.16 8.20
CA GLU A 164 0.92 -18.29 7.98
C GLU A 164 0.31 -16.98 7.51
N ALA A 165 0.70 -15.86 8.16
CA ALA A 165 0.21 -14.55 7.74
C ALA A 165 0.60 -14.24 6.30
N GLY A 166 1.84 -14.54 5.92
CA GLY A 166 2.26 -14.34 4.54
C GLY A 166 1.43 -15.16 3.56
N ARG A 167 1.24 -16.46 3.84
CA ARG A 167 0.46 -17.28 2.92
C ARG A 167 -0.98 -16.77 2.80
N CYS A 168 -1.59 -16.41 3.94
CA CYS A 168 -2.99 -15.98 3.90
C CYS A 168 -3.15 -14.62 3.25
N LEU A 169 -2.22 -13.70 3.52
CA LEU A 169 -2.31 -12.39 2.90
C LEU A 169 -2.10 -12.48 1.41
N GLU A 170 -1.22 -13.40 0.97
CA GLU A 170 -1.00 -13.61 -0.46
C GLU A 170 -2.29 -14.11 -1.13
N VAL A 171 -3.03 -15.01 -0.47
CA VAL A 171 -4.31 -15.46 -1.00
C VAL A 171 -5.27 -14.29 -1.16
N PHE A 172 -5.35 -13.43 -0.14
CA PHE A 172 -6.19 -12.23 -0.24
C PHE A 172 -5.75 -11.37 -1.41
N PHE A 173 -4.44 -11.16 -1.56
CA PHE A 173 -3.91 -10.34 -2.62
C PHE A 173 -4.26 -10.90 -4.00
N GLU A 174 -4.06 -12.20 -4.19
CA GLU A 174 -4.35 -12.71 -5.52
C GLU A 174 -5.84 -12.63 -5.83
N GLY A 175 -6.69 -12.72 -4.81
CA GLY A 175 -8.12 -12.44 -4.99
C GLY A 175 -8.38 -11.00 -5.43
N TRP A 176 -7.77 -10.03 -4.73
CA TRP A 176 -7.94 -8.63 -5.12
C TRP A 176 -7.40 -8.37 -6.52
N LEU A 177 -6.30 -9.05 -6.88
CA LEU A 177 -5.72 -8.83 -8.20
C LEU A 177 -6.72 -9.22 -9.29
N LYS A 178 -7.47 -10.30 -9.06
CA LYS A 178 -8.45 -10.72 -10.07
C LYS A 178 -9.64 -9.78 -10.08
N GLU A 179 -9.97 -9.19 -8.92
CA GLU A 179 -11.05 -8.22 -8.87
C GLU A 179 -10.69 -6.95 -9.63
N ILE A 180 -9.46 -6.46 -9.44
CA ILE A 180 -9.05 -5.18 -9.96
C ILE A 180 -8.56 -5.29 -11.39
N TYR A 181 -8.01 -6.45 -11.76
CA TYR A 181 -7.48 -6.71 -13.10
C TYR A 181 -8.11 -8.00 -13.61
N PRO A 182 -9.42 -7.98 -13.88
CA PRO A 182 -10.12 -9.22 -14.25
C PRO A 182 -9.69 -9.78 -15.59
N ASP A 183 -9.13 -8.96 -16.48
CA ASP A 183 -8.81 -9.40 -17.82
C ASP A 183 -7.32 -9.53 -18.07
N LYS A 184 -6.48 -9.35 -17.06
CA LYS A 184 -5.04 -9.31 -17.26
C LYS A 184 -4.42 -10.43 -16.44
N CYS A 185 -3.75 -11.34 -17.11
CA CYS A 185 -3.06 -12.43 -16.42
C CYS A 185 -1.62 -12.02 -16.17
N PHE A 186 -1.18 -12.11 -14.91
CA PHE A 186 0.18 -11.74 -14.56
C PHE A 186 1.10 -12.95 -14.50
N ALA A 187 0.79 -14.00 -15.24
CA ALA A 187 1.70 -15.16 -15.35
C ALA A 187 2.93 -14.80 -16.19
N ALA B 1 -14.08 16.19 4.59
CA ALA B 1 -12.89 16.78 5.19
C ALA B 1 -12.92 16.61 6.70
N ARG B 2 -13.75 15.68 7.17
CA ARG B 2 -13.81 15.42 8.60
C ARG B 2 -12.48 14.83 9.07
N THR B 3 -12.00 15.32 10.20
CA THR B 3 -10.85 14.75 10.89
C THR B 3 -11.21 14.53 12.35
N LYS B 4 -10.51 13.59 12.98
CA LYS B 4 -10.68 13.33 14.40
C LYS B 4 -9.31 13.18 15.04
N GLN B 5 -9.30 13.23 16.37
CA GLN B 5 -8.08 13.00 17.15
C GLN B 5 -8.34 11.85 18.12
N THR B 6 -7.46 10.85 18.10
CA THR B 6 -7.55 9.70 18.97
C THR B 6 -6.25 9.59 19.77
N ALA B 7 -6.37 9.27 21.06
CA ALA B 7 -5.20 9.10 21.90
C ALA B 7 -4.28 8.06 21.30
N ARG B 8 -3.03 8.44 21.05
CA ARG B 8 -2.05 7.50 20.50
C ARG B 8 -1.74 6.42 21.51
N M3L B 9 -1.44 5.22 21.03
CA M3L B 9 -1.12 4.12 21.91
CB M3L B 9 -1.92 2.85 21.58
CG M3L B 9 -2.05 2.60 20.09
CD M3L B 9 -3.31 1.80 19.82
CE M3L B 9 -2.96 0.37 19.42
NZ M3L B 9 -4.04 -0.69 19.53
C M3L B 9 0.36 3.75 21.87
O M3L B 9 1.24 4.25 21.17
CM1 M3L B 9 -4.12 -1.25 20.92
CM2 M3L B 9 -3.82 -1.81 18.56
CM3 M3L B 9 -5.36 -0.06 19.20
OH ALY B 18 9.79 -12.42 6.99
CH ALY B 18 9.48 -11.45 7.70
CH3 ALY B 18 8.63 -10.31 7.17
NZ ALY B 18 9.92 -11.39 9.00
CE ALY B 18 10.73 -12.46 9.55
CD ALY B 18 11.91 -12.03 10.44
CG ALY B 18 11.41 -11.49 11.78
CB ALY B 18 10.04 -12.06 12.14
CA ALY B 18 10.05 -12.83 13.48
N ALY B 18 10.47 -14.21 13.36
C ALY B 18 8.65 -12.75 14.05
O ALY B 18 8.24 -12.09 15.01
ZN ZN C . -1.27 5.65 10.29
ZN ZN D . -13.06 4.89 1.93
#